data_8ZYH
#
_entry.id   8ZYH
#
_cell.length_a   50.570
_cell.length_b   58.500
_cell.length_c   71.960
_cell.angle_alpha   90.00
_cell.angle_beta   90.00
_cell.angle_gamma   90.00
#
_symmetry.space_group_name_H-M   'P 21 21 21'
#
loop_
_entity.id
_entity.type
_entity.pdbx_description
1 polymer 'Cupin type-2 domain-containing protein'
2 non-polymer 'HEXAETHYLENE GLYCOL'
3 non-polymer 'COPPER (II) ION'
4 non-polymer 4-THIOPYRIDINE
5 water water
#
_entity_poly.entity_id   1
_entity_poly.type   'polypeptide(L)'
_entity_poly.pdbx_seq_one_letter_code
;GPSGMILKRAYDVTPQKISTDKVRGVRKRVLIGLKDAPNFVMRLFTVEPGGLCDRASAPWEHEIFVLKGKLTVLKEQGEE
TVEEGFYIFVEPNEIHGFRNDTDSEVEFLDLIPKEGGE
;
_entity_poly.pdbx_strand_id   A,B
#
loop_
_chem_comp.id
_chem_comp.type
_chem_comp.name
_chem_comp.formula
CU non-polymer 'COPPER (II) ION' 'Cu 2'
KN6 non-polymer 4-THIOPYRIDINE 'C5 H5 N S'
P6G non-polymer 'HEXAETHYLENE GLYCOL' 'C12 H26 O7'
#
# COMPACT_ATOMS: atom_id res chain seq x y z
CA GLY A 1 -18.62 -12.97 -0.78
C GLY A 1 -18.84 -12.12 0.45
N PRO A 2 -17.88 -12.08 1.38
CA PRO A 2 -18.20 -11.41 2.64
C PRO A 2 -18.36 -9.90 2.50
N SER A 3 -19.07 -9.32 3.48
CA SER A 3 -19.22 -7.88 3.58
C SER A 3 -18.42 -7.34 4.75
N GLY A 4 -18.43 -6.01 4.89
CA GLY A 4 -17.70 -5.44 6.01
C GLY A 4 -16.33 -4.92 5.61
N MET A 5 -15.67 -4.40 6.62
CA MET A 5 -14.38 -3.77 6.47
C MET A 5 -13.55 -4.08 7.71
N ILE A 6 -12.26 -4.31 7.53
CA ILE A 6 -11.29 -4.51 8.59
C ILE A 6 -10.47 -3.23 8.74
N LEU A 7 -10.36 -2.72 9.95
CA LEU A 7 -9.54 -1.56 10.26
C LEU A 7 -8.62 -1.97 11.42
N LYS A 8 -7.31 -2.00 11.20
CA LYS A 8 -6.43 -2.57 12.18
C LYS A 8 -5.06 -1.90 12.17
N ARG A 9 -4.48 -1.70 13.33
CA ARG A 9 -3.11 -1.20 13.43
C ARG A 9 -2.19 -2.29 12.90
N ALA A 10 -1.32 -1.95 11.94
CA ALA A 10 -0.46 -2.96 11.32
C ALA A 10 0.42 -3.64 12.33
N TYR A 11 0.90 -2.88 13.34
CA TYR A 11 1.85 -3.45 14.27
C TYR A 11 1.18 -4.46 15.19
N ASP A 12 -0.15 -4.50 15.20
CA ASP A 12 -0.84 -5.52 15.99
C ASP A 12 -0.69 -6.89 15.36
N VAL A 13 -0.28 -6.99 14.11
CA VAL A 13 -0.14 -8.27 13.42
C VAL A 13 1.21 -8.87 13.79
N THR A 14 1.26 -10.16 14.08
CA THR A 14 2.52 -10.82 14.43
C THR A 14 3.59 -10.75 13.36
N PRO A 15 4.78 -10.29 13.73
CA PRO A 15 5.88 -10.23 12.75
C PRO A 15 6.65 -11.55 12.72
N GLN A 16 6.44 -12.28 11.64
CA GLN A 16 6.97 -13.61 11.40
C GLN A 16 8.41 -13.52 10.88
N LYS A 17 9.33 -14.27 11.45
CA LYS A 17 10.68 -14.33 10.94
C LYS A 17 10.72 -15.04 9.59
N ILE A 18 11.39 -14.43 8.63
CA ILE A 18 11.63 -15.05 7.34
C ILE A 18 13.09 -15.50 7.27
N SER A 19 13.27 -16.79 7.09
CA SER A 19 14.62 -17.34 6.97
C SER A 19 14.63 -18.36 5.84
N THR A 20 15.30 -18.06 4.75
CA THR A 20 15.34 -18.94 3.59
C THR A 20 16.77 -18.91 3.05
N ASP A 21 17.02 -19.58 1.94
CA ASP A 21 18.32 -19.53 1.31
C ASP A 21 18.70 -18.12 0.86
N LYS A 22 17.74 -17.23 0.70
CA LYS A 22 18.03 -15.89 0.19
C LYS A 22 17.76 -14.80 1.21
N VAL A 23 17.11 -15.10 2.33
CA VAL A 23 16.63 -14.05 3.21
C VAL A 23 17.14 -14.25 4.63
N ARG A 24 17.61 -13.17 5.24
CA ARG A 24 17.96 -13.14 6.66
C ARG A 24 17.67 -11.74 7.20
N GLY A 25 17.36 -11.65 8.49
CA GLY A 25 17.15 -10.35 9.09
C GLY A 25 15.89 -9.64 8.70
N VAL A 26 14.86 -10.41 8.37
CA VAL A 26 13.59 -9.89 7.86
C VAL A 26 12.45 -10.49 8.63
N ARG A 27 11.45 -9.67 8.92
CA ARG A 27 10.17 -10.14 9.46
C ARG A 27 9.06 -9.64 8.53
N LYS A 28 8.00 -10.43 8.52
CA LYS A 28 6.84 -10.15 7.69
C LYS A 28 5.58 -10.13 8.53
N ARG A 29 4.73 -9.14 8.32
CA ARG A 29 3.37 -9.12 8.84
C ARG A 29 2.43 -9.25 7.64
N VAL A 30 1.60 -10.25 7.67
CA VAL A 30 0.57 -10.41 6.64
C VAL A 30 -0.64 -9.60 7.07
N LEU A 31 -0.88 -8.47 6.43
CA LEU A 31 -1.95 -7.54 6.79
C LEU A 31 -3.27 -8.00 6.16
N ILE A 32 -3.27 -8.15 4.85
CA ILE A 32 -4.43 -8.62 4.11
C ILE A 32 -3.96 -9.84 3.34
N GLY A 33 -4.26 -11.00 3.91
CA GLY A 33 -3.74 -12.26 3.42
C GLY A 33 -4.77 -13.08 2.68
N LEU A 34 -4.37 -14.31 2.38
CA LEU A 34 -5.20 -15.21 1.60
C LEU A 34 -6.55 -15.46 2.24
N LYS A 35 -6.66 -15.40 3.56
CA LYS A 35 -7.95 -15.65 4.20
C LYS A 35 -8.97 -14.59 3.80
N ASP A 36 -8.53 -13.41 3.40
CA ASP A 36 -9.39 -12.28 3.10
C ASP A 36 -9.39 -11.83 1.64
N ALA A 37 -8.26 -11.95 0.95
CA ALA A 37 -8.03 -11.20 -0.27
C ALA A 37 -8.82 -11.69 -1.46
N PRO A 38 -9.60 -10.84 -2.11
CA PRO A 38 -10.23 -11.26 -3.37
C PRO A 38 -9.24 -11.44 -4.51
N ASN A 39 -8.20 -10.61 -4.54
CA ASN A 39 -7.31 -10.56 -5.71
C ASN A 39 -5.83 -10.43 -5.39
N PHE A 40 -5.46 -9.67 -4.37
CA PHE A 40 -4.06 -9.40 -4.10
C PHE A 40 -3.87 -9.22 -2.60
N VAL A 41 -2.65 -9.46 -2.13
CA VAL A 41 -2.35 -9.48 -0.71
C VAL A 41 -1.46 -8.30 -0.34
N MET A 42 -1.55 -7.88 0.92
CA MET A 42 -0.76 -6.81 1.47
C MET A 42 0.08 -7.33 2.64
N ARG A 43 1.40 -7.19 2.53
CA ARG A 43 2.34 -7.54 3.58
C ARG A 43 3.14 -6.31 3.97
N LEU A 44 3.59 -6.30 5.22
CA LEU A 44 4.51 -5.29 5.71
C LEU A 44 5.79 -6.02 6.11
N PHE A 45 6.87 -5.69 5.42
CA PHE A 45 8.17 -6.25 5.69
C PHE A 45 9.01 -5.29 6.51
N THR A 46 9.73 -5.86 7.46
CA THR A 46 10.69 -5.15 8.29
C THR A 46 12.07 -5.75 8.03
N VAL A 47 13.00 -4.93 7.59
CA VAL A 47 14.35 -5.39 7.31
C VAL A 47 15.24 -4.78 8.41
N GLU A 48 15.80 -5.63 9.23
CA GLU A 48 16.64 -5.17 10.32
C GLU A 48 17.98 -4.73 9.75
N PRO A 49 18.76 -3.99 10.54
CA PRO A 49 20.07 -3.53 10.06
C PRO A 49 20.90 -4.71 9.57
N GLY A 50 21.47 -4.59 8.38
CA GLY A 50 22.21 -5.65 7.75
C GLY A 50 21.39 -6.73 7.10
N GLY A 51 20.06 -6.68 7.24
CA GLY A 51 19.19 -7.67 6.64
C GLY A 51 19.25 -7.69 5.13
N LEU A 52 18.83 -8.81 4.57
CA LEU A 52 19.04 -9.09 3.16
C LEU A 52 17.90 -9.95 2.63
N CYS A 53 17.40 -9.55 1.47
CA CYS A 53 16.57 -10.45 0.62
C CYS A 53 17.32 -10.48 -0.71
N ASP A 54 18.06 -11.55 -0.90
CA ASP A 54 18.97 -11.61 -2.03
C ASP A 54 18.20 -11.67 -3.34
N ARG A 55 18.89 -11.31 -4.41
CA ARG A 55 18.32 -11.22 -5.73
C ARG A 55 17.54 -12.46 -6.10
N ALA A 56 16.37 -12.22 -6.67
CA ALA A 56 15.50 -13.28 -7.13
C ALA A 56 14.56 -12.68 -8.18
N SER A 57 13.87 -13.55 -8.86
CA SER A 57 12.75 -13.08 -9.67
C SER A 57 11.59 -14.03 -9.46
N ALA A 58 10.41 -13.56 -9.79
CA ALA A 58 9.16 -14.27 -9.55
C ALA A 58 8.23 -14.12 -10.75
N PRO A 59 7.30 -15.03 -10.95
CA PRO A 59 6.39 -14.92 -12.09
C PRO A 59 5.24 -13.96 -11.89
N TRP A 60 5.26 -13.12 -10.90
CA TRP A 60 4.29 -12.08 -10.67
C TRP A 60 5.03 -10.79 -10.35
N GLU A 61 4.25 -9.71 -10.44
CA GLU A 61 4.73 -8.38 -10.12
C GLU A 61 4.74 -8.14 -8.60
N HIS A 62 5.52 -7.13 -8.20
CA HIS A 62 5.45 -6.54 -6.89
C HIS A 62 5.06 -5.07 -7.01
N GLU A 63 4.24 -4.61 -6.07
CA GLU A 63 3.98 -3.19 -5.87
C GLU A 63 4.36 -2.87 -4.42
N ILE A 64 5.33 -1.98 -4.25
CA ILE A 64 5.96 -1.72 -2.97
C ILE A 64 5.85 -0.25 -2.62
N PHE A 65 5.67 0.04 -1.34
CA PHE A 65 5.71 1.40 -0.84
C PHE A 65 6.56 1.45 0.42
N VAL A 66 7.60 2.27 0.43
CA VAL A 66 8.53 2.33 1.54
C VAL A 66 7.99 3.26 2.63
N LEU A 67 7.79 2.68 3.82
CA LEU A 67 7.19 3.39 4.94
C LEU A 67 8.21 4.07 5.84
N LYS A 68 9.38 3.48 6.00
CA LYS A 68 10.35 3.94 6.98
C LYS A 68 11.74 3.53 6.54
N GLY A 69 12.69 4.44 6.61
CA GLY A 69 14.09 4.11 6.47
C GLY A 69 14.62 4.26 5.05
N LYS A 70 15.85 3.81 4.88
CA LYS A 70 16.56 3.93 3.62
C LYS A 70 16.95 2.53 3.16
N LEU A 71 16.40 2.12 2.04
CA LEU A 71 16.43 0.74 1.57
C LEU A 71 17.30 0.68 0.31
N THR A 72 18.23 -0.26 0.32
CA THR A 72 19.02 -0.55 -0.88
C THR A 72 18.28 -1.58 -1.71
N VAL A 73 18.03 -1.23 -2.97
CA VAL A 73 17.36 -2.13 -3.90
C VAL A 73 18.42 -2.76 -4.80
N LEU A 74 18.38 -4.09 -4.82
CA LEU A 74 19.27 -4.86 -5.67
C LEU A 74 18.58 -5.11 -7.01
N LYS A 75 19.26 -4.71 -8.07
CA LYS A 75 18.73 -4.83 -9.42
C LYS A 75 19.57 -5.81 -10.23
N GLU A 76 19.08 -6.16 -11.42
CA GLU A 76 19.81 -7.10 -12.25
C GLU A 76 21.26 -6.66 -12.39
N GLN A 77 21.37 -5.37 -12.68
CA GLN A 77 22.68 -4.72 -12.80
C GLN A 77 22.64 -3.58 -11.77
N GLY A 78 23.38 -3.78 -10.69
CA GLY A 78 23.68 -2.77 -9.71
C GLY A 78 22.66 -2.64 -8.60
N GLU A 79 22.74 -1.51 -7.93
CA GLU A 79 21.95 -1.19 -6.76
C GLU A 79 21.45 0.24 -6.87
N GLU A 80 20.34 0.50 -6.19
CA GLU A 80 19.82 1.86 -6.11
C GLU A 80 19.20 2.05 -4.72
N THR A 81 19.31 3.23 -4.17
CA THR A 81 18.75 3.55 -2.88
C THR A 81 17.40 4.21 -3.05
N VAL A 82 16.51 3.82 -2.13
CA VAL A 82 15.25 4.55 -2.00
C VAL A 82 15.04 4.82 -0.52
N GLU A 83 14.00 5.58 -0.18
CA GLU A 83 13.71 5.84 1.21
C GLU A 83 12.21 5.94 1.42
N GLU A 84 11.82 6.21 2.65
CA GLU A 84 10.44 6.49 3.03
C GLU A 84 9.82 7.40 1.97
N GLY A 85 8.64 7.01 1.48
CA GLY A 85 7.88 7.82 0.55
C GLY A 85 8.14 7.44 -0.90
N PHE A 86 9.07 6.54 -1.18
CA PHE A 86 9.23 5.96 -2.51
C PHE A 86 8.30 4.77 -2.71
N TYR A 87 7.89 4.59 -3.95
CA TYR A 87 7.24 3.37 -4.37
C TYR A 87 8.10 2.66 -5.42
N ILE A 88 7.88 1.38 -5.52
CA ILE A 88 8.59 0.52 -6.44
C ILE A 88 7.58 -0.36 -7.16
N PHE A 89 7.72 -0.41 -8.48
CA PHE A 89 6.99 -1.39 -9.27
C PHE A 89 7.98 -2.36 -9.88
N VAL A 90 7.85 -3.64 -9.58
CA VAL A 90 8.71 -4.67 -10.12
C VAL A 90 7.87 -5.50 -11.10
N GLU A 91 8.23 -5.43 -12.39
CA GLU A 91 7.52 -6.23 -13.38
C GLU A 91 7.71 -7.72 -13.11
N PRO A 92 6.81 -8.57 -13.56
CA PRO A 92 7.03 -10.02 -13.46
C PRO A 92 8.37 -10.37 -14.08
N ASN A 93 9.07 -11.30 -13.46
CA ASN A 93 10.33 -11.84 -13.91
C ASN A 93 11.53 -10.93 -13.78
N GLU A 94 11.40 -9.71 -13.32
CA GLU A 94 12.52 -8.80 -13.16
C GLU A 94 13.29 -9.16 -11.90
N ILE A 95 14.61 -9.23 -11.98
CA ILE A 95 15.43 -9.46 -10.80
C ILE A 95 15.31 -8.31 -9.83
N HIS A 96 15.17 -8.67 -8.55
CA HIS A 96 15.00 -7.68 -7.47
C HIS A 96 15.47 -8.32 -6.18
N GLY A 97 15.96 -7.51 -5.29
CA GLY A 97 16.28 -7.86 -3.90
C GLY A 97 16.44 -6.58 -3.10
N PHE A 98 16.74 -6.76 -1.83
CA PHE A 98 16.76 -5.63 -0.90
C PHE A 98 17.84 -5.87 0.14
N ARG A 99 18.40 -4.78 0.63
CA ARG A 99 19.37 -4.88 1.71
C ARG A 99 19.25 -3.61 2.56
N ASN A 100 19.42 -3.75 3.86
CA ASN A 100 19.42 -2.61 4.76
C ASN A 100 20.86 -2.31 5.18
N ASP A 101 21.41 -1.25 4.61
CA ASP A 101 22.78 -0.82 4.83
C ASP A 101 22.90 0.21 5.95
N THR A 102 21.82 0.46 6.67
CA THR A 102 21.75 1.44 7.72
C THR A 102 21.71 0.74 9.09
N ASP A 103 21.76 1.56 10.12
CA ASP A 103 21.63 1.06 11.49
C ASP A 103 20.22 1.14 12.03
N SER A 104 19.22 1.42 11.22
CA SER A 104 17.85 1.45 11.73
C SER A 104 16.96 0.60 10.84
N GLU A 105 15.84 0.19 11.39
CA GLU A 105 14.93 -0.69 10.65
C GLU A 105 14.35 0.02 9.44
N VAL A 106 14.19 -0.77 8.39
CA VAL A 106 13.43 -0.32 7.23
C VAL A 106 12.12 -1.10 7.18
N GLU A 107 11.06 -0.39 6.84
CA GLU A 107 9.76 -1.03 6.66
C GLU A 107 9.20 -0.66 5.30
N PHE A 108 8.56 -1.64 4.66
CA PHE A 108 7.88 -1.38 3.41
C PHE A 108 6.68 -2.30 3.25
N LEU A 109 5.68 -1.76 2.60
CA LEU A 109 4.53 -2.56 2.14
C LEU A 109 4.92 -3.25 0.83
N ASP A 110 4.42 -4.46 0.68
CA ASP A 110 4.70 -5.24 -0.51
C ASP A 110 3.41 -5.97 -0.85
N LEU A 111 2.88 -5.71 -2.04
CA LEU A 111 1.65 -6.30 -2.51
C LEU A 111 1.95 -7.12 -3.78
N ILE A 112 1.36 -8.30 -3.81
CA ILE A 112 1.50 -9.23 -4.93
C ILE A 112 0.11 -9.81 -5.25
N PRO A 113 -0.11 -10.24 -6.48
CA PRO A 113 -1.36 -10.96 -6.77
C PRO A 113 -1.44 -12.20 -5.91
N LYS A 114 -2.66 -12.59 -5.52
CA LYS A 114 -2.80 -13.65 -4.54
CA LYS A 114 -2.82 -13.66 -4.55
C LYS A 114 -2.37 -15.02 -5.07
N GLU A 115 -2.26 -15.19 -6.38
CA GLU A 115 -1.71 -16.39 -6.98
C GLU A 115 -0.30 -16.66 -6.47
N GLY A 116 0.42 -15.66 -5.99
CA GLY A 116 1.76 -15.80 -5.47
C GLY A 116 1.82 -16.12 -4.01
N GLY A 117 0.65 -16.26 -3.36
CA GLY A 117 0.62 -16.61 -1.95
C GLY A 117 0.54 -15.37 -1.09
N GLU A 118 1.02 -15.51 0.13
CA GLU A 118 1.11 -14.39 1.05
C GLU A 118 2.49 -14.37 1.69
N GLY B 4 12.37 -2.72 -16.32
CA GLY B 4 11.54 -3.70 -15.64
C GLY B 4 11.26 -3.36 -14.19
N MET B 5 11.87 -2.27 -13.71
CA MET B 5 11.56 -1.78 -12.38
C MET B 5 11.46 -0.25 -12.39
N ILE B 6 10.48 0.28 -11.70
CA ILE B 6 10.27 1.70 -11.51
C ILE B 6 10.49 2.00 -10.02
N LEU B 7 11.34 2.96 -9.74
CA LEU B 7 11.62 3.43 -8.39
C LEU B 7 11.39 4.94 -8.39
N LYS B 8 10.42 5.44 -7.63
CA LYS B 8 10.08 6.86 -7.75
C LYS B 8 9.57 7.37 -6.39
N ARG B 9 9.82 8.63 -6.11
CA ARG B 9 9.26 9.31 -4.95
C ARG B 9 7.79 9.59 -5.23
N ALA B 10 6.90 9.09 -4.38
CA ALA B 10 5.48 9.28 -4.59
C ALA B 10 5.11 10.75 -4.69
N TYR B 11 5.69 11.60 -3.87
CA TYR B 11 5.40 13.03 -3.87
C TYR B 11 5.58 13.63 -5.25
N ASP B 12 6.53 13.11 -6.01
CA ASP B 12 6.84 13.64 -7.32
C ASP B 12 5.76 13.34 -8.35
N VAL B 13 4.90 12.37 -8.11
CA VAL B 13 3.79 12.08 -8.97
C VAL B 13 2.75 13.18 -8.76
N THR B 14 2.23 13.66 -9.87
CA THR B 14 1.36 14.83 -9.84
C THR B 14 0.04 14.55 -9.16
N PRO B 15 -0.35 15.39 -8.17
CA PRO B 15 -1.63 15.17 -7.47
C PRO B 15 -2.78 15.84 -8.20
N GLN B 16 -3.77 15.04 -8.56
CA GLN B 16 -4.94 15.48 -9.31
C GLN B 16 -6.08 15.83 -8.36
N LYS B 17 -6.61 17.03 -8.47
CA LYS B 17 -7.78 17.40 -7.69
C LYS B 17 -9.00 16.61 -8.17
N ILE B 18 -9.73 16.04 -7.23
CA ILE B 18 -10.94 15.29 -7.51
C ILE B 18 -12.15 16.07 -7.03
N SER B 19 -13.12 16.28 -7.91
CA SER B 19 -14.34 16.99 -7.57
C SER B 19 -15.51 16.34 -8.28
N THR B 20 -16.40 15.70 -7.53
CA THR B 20 -17.64 15.11 -8.01
C THR B 20 -18.76 15.43 -7.03
N ASP B 21 -19.98 14.94 -7.25
CA ASP B 21 -21.05 15.21 -6.29
CA ASP B 21 -21.05 15.21 -6.30
C ASP B 21 -20.76 14.62 -4.92
N LYS B 22 -19.89 13.62 -4.84
CA LYS B 22 -19.55 12.95 -3.61
C LYS B 22 -18.17 13.31 -3.10
N VAL B 23 -17.32 13.95 -3.87
CA VAL B 23 -15.92 14.12 -3.49
C VAL B 23 -15.56 15.60 -3.54
N ARG B 24 -15.01 16.08 -2.44
CA ARG B 24 -14.54 17.45 -2.36
C ARG B 24 -13.32 17.52 -1.47
N GLY B 25 -12.33 18.35 -1.81
CA GLY B 25 -11.17 18.49 -0.95
C GLY B 25 -10.25 17.26 -0.93
N VAL B 26 -10.15 16.58 -2.05
CA VAL B 26 -9.34 15.37 -2.18
C VAL B 26 -8.44 15.51 -3.41
N ARG B 27 -7.23 15.03 -3.29
CA ARG B 27 -6.30 14.91 -4.39
C ARG B 27 -5.84 13.45 -4.49
N LYS B 28 -5.55 13.06 -5.71
CA LYS B 28 -5.18 11.68 -6.02
C LYS B 28 -3.90 11.66 -6.84
N ARG B 29 -2.94 10.84 -6.44
CA ARG B 29 -1.79 10.50 -7.25
C ARG B 29 -1.91 9.05 -7.71
N VAL B 30 -1.74 8.83 -9.00
CA VAL B 30 -1.72 7.47 -9.53
C VAL B 30 -0.26 7.02 -9.63
N LEU B 31 0.14 6.18 -8.71
CA LEU B 31 1.53 5.73 -8.62
C LEU B 31 1.81 4.63 -9.64
N ILE B 32 0.96 3.62 -9.65
CA ILE B 32 1.04 2.52 -10.61
C ILE B 32 -0.34 2.37 -11.23
N GLY B 33 -0.48 2.81 -12.47
CA GLY B 33 -1.77 2.93 -13.11
C GLY B 33 -2.13 1.79 -14.03
N LEU B 34 -3.35 1.89 -14.53
CA LEU B 34 -4.06 0.78 -15.17
C LEU B 34 -3.19 0.29 -16.31
N LYS B 35 -2.60 1.20 -17.07
CA LYS B 35 -1.87 0.88 -18.28
C LYS B 35 -0.70 -0.05 -17.98
N ASP B 36 -0.03 0.16 -16.85
CA ASP B 36 1.17 -0.55 -16.46
C ASP B 36 0.90 -1.80 -15.62
N ALA B 37 -0.25 -1.88 -14.98
CA ALA B 37 -0.51 -2.87 -13.92
C ALA B 37 -0.98 -4.19 -14.51
N PRO B 38 -0.35 -5.31 -14.19
CA PRO B 38 -0.94 -6.59 -14.61
C PRO B 38 -2.28 -6.88 -13.94
N ASN B 39 -2.47 -6.47 -12.69
CA ASN B 39 -3.59 -6.93 -11.88
C ASN B 39 -4.27 -5.86 -11.04
N PHE B 40 -3.50 -4.95 -10.43
CA PHE B 40 -4.06 -3.99 -9.48
C PHE B 40 -3.24 -2.72 -9.53
N VAL B 41 -3.87 -1.61 -9.15
CA VAL B 41 -3.30 -0.29 -9.24
C VAL B 41 -3.02 0.27 -7.85
N MET B 42 -2.08 1.22 -7.80
CA MET B 42 -1.65 1.85 -6.57
C MET B 42 -1.83 3.36 -6.66
N ARG B 43 -2.58 3.93 -5.73
CA ARG B 43 -2.88 5.34 -5.68
C ARG B 43 -2.53 5.87 -4.30
N LEU B 44 -2.33 7.18 -4.19
CA LEU B 44 -2.10 7.84 -2.92
C LEU B 44 -3.03 9.04 -2.86
N PHE B 45 -3.95 9.03 -1.92
CA PHE B 45 -4.93 10.08 -1.72
C PHE B 45 -4.51 11.03 -0.63
N THR B 46 -4.78 12.31 -0.86
CA THR B 46 -4.62 13.35 0.15
C THR B 46 -6.00 13.96 0.38
N VAL B 47 -6.40 14.00 1.64
CA VAL B 47 -7.68 14.60 2.00
C VAL B 47 -7.39 15.89 2.77
N GLU B 48 -7.83 17.02 2.23
CA GLU B 48 -7.65 18.30 2.89
C GLU B 48 -8.54 18.41 4.11
N PRO B 49 -8.21 19.34 5.02
CA PRO B 49 -9.09 19.60 6.16
C PRO B 49 -10.51 19.90 5.66
N GLY B 50 -11.45 19.17 6.26
CA GLY B 50 -12.84 19.30 5.87
C GLY B 50 -13.20 18.55 4.62
N GLY B 51 -12.26 17.88 3.97
CA GLY B 51 -12.52 17.13 2.74
C GLY B 51 -13.32 15.88 3.02
N LEU B 52 -13.94 15.37 1.96
CA LEU B 52 -14.95 14.33 2.04
C LEU B 52 -14.97 13.50 0.77
N CYS B 53 -14.90 12.19 0.93
CA CYS B 53 -15.30 11.25 -0.16
C CYS B 53 -16.53 10.55 0.39
N ASP B 54 -17.70 10.97 -0.07
CA ASP B 54 -18.91 10.53 0.61
C ASP B 54 -19.18 9.05 0.34
N ARG B 55 -20.05 8.49 1.16
CA ARG B 55 -20.40 7.09 1.14
C ARG B 55 -20.79 6.63 -0.27
N ALA B 56 -20.20 5.52 -0.67
CA ALA B 56 -20.46 4.88 -1.93
C ALA B 56 -20.09 3.41 -1.83
N SER B 57 -20.58 2.61 -2.75
CA SER B 57 -20.16 1.23 -2.94
C SER B 57 -19.44 1.11 -4.28
N ALA B 58 -18.46 0.25 -4.33
CA ALA B 58 -17.74 -0.07 -5.55
C ALA B 58 -17.82 -1.56 -5.83
N PRO B 59 -17.67 -1.95 -7.09
CA PRO B 59 -17.64 -3.37 -7.42
C PRO B 59 -16.42 -4.12 -6.94
N TRP B 60 -15.41 -3.40 -6.49
CA TRP B 60 -14.10 -3.95 -6.12
C TRP B 60 -13.81 -3.63 -4.66
N GLU B 61 -12.89 -4.40 -4.10
CA GLU B 61 -12.32 -4.16 -2.78
C GLU B 61 -11.34 -2.99 -2.82
N HIS B 62 -11.07 -2.47 -1.63
CA HIS B 62 -9.97 -1.56 -1.38
C HIS B 62 -9.00 -2.18 -0.37
N GLU B 63 -7.71 -1.93 -0.61
CA GLU B 63 -6.65 -2.22 0.37
C GLU B 63 -5.92 -0.92 0.61
N ILE B 64 -6.02 -0.42 1.84
CA ILE B 64 -5.56 0.93 2.19
C ILE B 64 -4.56 0.88 3.32
N PHE B 65 -3.61 1.80 3.30
CA PHE B 65 -2.70 1.98 4.42
C PHE B 65 -2.63 3.46 4.74
N VAL B 66 -2.91 3.84 5.98
CA VAL B 66 -2.92 5.25 6.37
C VAL B 66 -1.51 5.74 6.63
N LEU B 67 -1.08 6.73 5.87
CA LEU B 67 0.29 7.23 5.87
C LEU B 67 0.48 8.43 6.79
N LYS B 68 -0.51 9.29 6.93
CA LYS B 68 -0.37 10.54 7.65
C LYS B 68 -1.73 10.96 8.19
N GLY B 69 -1.81 11.28 9.46
CA GLY B 69 -2.97 11.93 10.03
C GLY B 69 -4.06 11.00 10.50
N LYS B 70 -5.18 11.61 10.87
CA LYS B 70 -6.34 10.90 11.42
C LYS B 70 -7.43 10.86 10.35
N LEU B 71 -7.65 9.67 9.82
CA LEU B 71 -8.59 9.42 8.74
C LEU B 71 -9.91 8.95 9.32
N THR B 72 -10.98 9.68 9.07
CA THR B 72 -12.31 9.21 9.47
C THR B 72 -12.88 8.35 8.35
N VAL B 73 -13.20 7.11 8.71
CA VAL B 73 -13.73 6.15 7.76
C VAL B 73 -15.25 6.04 7.97
N LEU B 74 -15.98 6.31 6.91
CA LEU B 74 -17.44 6.22 6.89
C LEU B 74 -17.83 4.80 6.52
N LYS B 75 -18.76 4.24 7.28
CA LYS B 75 -19.26 2.89 7.10
C LYS B 75 -20.73 2.87 6.77
N GLU B 76 -21.31 1.72 6.44
CA GLU B 76 -22.74 1.70 6.11
C GLU B 76 -23.56 2.25 7.27
N GLN B 77 -23.09 1.96 8.47
CA GLN B 77 -23.60 2.53 9.70
C GLN B 77 -22.42 3.13 10.49
N GLY B 78 -22.50 4.42 10.76
CA GLY B 78 -21.51 5.04 11.61
C GLY B 78 -20.16 5.22 10.93
N GLU B 79 -19.16 5.52 11.75
CA GLU B 79 -17.84 5.88 11.28
C GLU B 79 -16.83 5.47 12.35
N GLU B 80 -15.58 5.40 11.93
CA GLU B 80 -14.47 5.08 12.80
C GLU B 80 -13.27 5.90 12.36
N THR B 81 -12.65 6.63 13.29
CA THR B 81 -11.44 7.39 12.96
C THR B 81 -10.21 6.62 13.37
N VAL B 82 -9.32 6.43 12.40
CA VAL B 82 -8.06 5.72 12.62
C VAL B 82 -6.92 6.65 12.31
N GLU B 83 -5.69 6.16 12.39
CA GLU B 83 -4.55 7.06 12.23
C GLU B 83 -3.44 6.37 11.45
N GLU B 84 -2.39 7.12 11.22
CA GLU B 84 -1.21 6.58 10.55
C GLU B 84 -0.83 5.24 11.15
N GLY B 85 -0.52 4.28 10.29
CA GLY B 85 -0.12 2.96 10.72
C GLY B 85 -1.25 1.95 10.76
N PHE B 86 -2.49 2.37 10.54
CA PHE B 86 -3.59 1.46 10.33
C PHE B 86 -3.66 1.04 8.85
N TYR B 87 -4.04 -0.22 8.64
CA TYR B 87 -4.50 -0.65 7.35
C TYR B 87 -6.00 -0.86 7.37
N ILE B 88 -6.57 -0.77 6.17
CA ILE B 88 -8.02 -0.90 5.99
C ILE B 88 -8.26 -1.81 4.82
N PHE B 89 -9.09 -2.80 5.02
CA PHE B 89 -9.57 -3.67 3.96
C PHE B 89 -11.08 -3.47 3.83
N VAL B 90 -11.52 -2.99 2.68
CA VAL B 90 -12.94 -2.80 2.42
C VAL B 90 -13.38 -3.91 1.45
N GLU B 91 -14.29 -4.77 1.86
CA GLU B 91 -14.81 -5.80 0.98
C GLU B 91 -15.42 -5.19 -0.26
N PRO B 92 -15.43 -5.92 -1.36
CA PRO B 92 -16.19 -5.46 -2.54
C PRO B 92 -17.63 -5.16 -2.12
N ASN B 93 -18.21 -4.13 -2.72
CA ASN B 93 -19.60 -3.77 -2.59
C ASN B 93 -19.97 -3.09 -1.28
N GLU B 94 -19.08 -3.02 -0.31
CA GLU B 94 -19.40 -2.44 0.98
C GLU B 94 -19.40 -0.93 0.93
N ILE B 95 -20.39 -0.30 1.55
CA ILE B 95 -20.40 1.15 1.65
C ILE B 95 -19.17 1.64 2.40
N HIS B 96 -18.53 2.65 1.85
CA HIS B 96 -17.36 3.26 2.47
C HIS B 96 -17.24 4.70 2.00
N GLY B 97 -16.56 5.48 2.82
CA GLY B 97 -16.17 6.83 2.43
C GLY B 97 -15.20 7.33 3.46
N PHE B 98 -14.72 8.56 3.28
CA PHE B 98 -13.64 9.09 4.09
C PHE B 98 -13.85 10.58 4.33
N ARG B 99 -13.39 11.03 5.50
CA ARG B 99 -13.47 12.45 5.81
C ARG B 99 -12.23 12.81 6.62
N ASN B 100 -11.84 14.07 6.57
CA ASN B 100 -10.79 14.62 7.40
C ASN B 100 -11.33 15.74 8.27
N ASP B 101 -11.49 15.47 9.56
CA ASP B 101 -11.98 16.45 10.51
C ASP B 101 -10.87 17.30 11.12
N THR B 102 -9.63 16.96 10.85
CA THR B 102 -8.49 17.64 11.46
C THR B 102 -8.12 18.89 10.68
N ASP B 103 -7.12 19.60 11.17
CA ASP B 103 -6.62 20.83 10.58
C ASP B 103 -5.40 20.61 9.69
N SER B 104 -4.99 19.37 9.47
N SER B 104 -5.05 19.36 9.48
CA SER B 104 -3.84 19.13 8.60
CA SER B 104 -3.87 18.94 8.74
C SER B 104 -4.18 18.01 7.63
C SER B 104 -4.29 18.07 7.56
N GLU B 105 -3.44 17.94 6.52
CA GLU B 105 -3.76 16.98 5.48
C GLU B 105 -3.58 15.55 5.98
N VAL B 106 -4.46 14.69 5.48
CA VAL B 106 -4.42 13.26 5.74
C VAL B 106 -4.04 12.57 4.42
N GLU B 107 -3.17 11.57 4.51
CA GLU B 107 -2.75 10.82 3.34
C GLU B 107 -2.95 9.32 3.56
N PHE B 108 -3.38 8.64 2.50
CA PHE B 108 -3.47 7.18 2.57
C PHE B 108 -3.13 6.59 1.20
N LEU B 109 -2.48 5.43 1.24
CA LEU B 109 -2.26 4.58 0.09
C LEU B 109 -3.51 3.76 -0.17
N ASP B 110 -3.87 3.58 -1.44
CA ASP B 110 -5.08 2.87 -1.78
C ASP B 110 -4.83 2.02 -3.01
N LEU B 111 -5.07 0.74 -2.90
CA LEU B 111 -4.92 -0.18 -4.03
C LEU B 111 -6.24 -0.90 -4.29
N ILE B 112 -6.55 -1.00 -5.59
CA ILE B 112 -7.76 -1.66 -6.04
C ILE B 112 -7.41 -2.53 -7.23
N PRO B 113 -8.21 -3.54 -7.52
CA PRO B 113 -8.02 -4.29 -8.77
C PRO B 113 -8.19 -3.35 -9.97
N LYS B 114 -7.48 -3.70 -11.03
CA LYS B 114 -7.32 -2.77 -12.13
C LYS B 114 -8.63 -2.48 -12.86
N GLU B 115 -9.64 -3.32 -12.72
CA GLU B 115 -10.96 -3.05 -13.27
C GLU B 115 -11.48 -1.69 -12.82
N GLY B 116 -11.06 -1.23 -11.64
CA GLY B 116 -11.51 0.05 -11.16
C GLY B 116 -10.61 1.22 -11.42
N GLY B 117 -9.48 1.01 -12.10
CA GLY B 117 -8.52 2.06 -12.32
C GLY B 117 -9.07 3.12 -13.27
N GLU B 118 -8.64 4.37 -13.07
CA GLU B 118 -8.93 5.47 -13.99
C GLU B 118 -8.14 5.34 -15.28
O1 P6G C . 25.23 6.13 8.16
C2 P6G C . 24.23 5.96 7.11
C3 P6G C . 24.92 5.20 6.03
O4 P6G C . 24.03 4.94 4.93
C5 P6G C . 24.58 3.75 4.37
C6 P6G C . 23.76 3.36 3.20
O7 P6G C . 23.67 4.54 2.38
C8 P6G C . 23.02 4.13 1.18
C9 P6G C . 23.11 5.10 0.07
O10 P6G C . 22.43 6.25 0.50
C11 P6G C . 22.59 7.33 -0.40
C12 P6G C . 21.74 8.39 0.24
O13 P6G C . 20.46 7.90 -0.13
C14 P6G C . 19.49 8.93 -0.19
C15 P6G C . 18.16 8.65 -0.75
O16 P6G C . 18.08 8.72 -2.14
C17 P6G C . 16.93 8.36 -2.92
C18 P6G C . 16.80 9.51 -3.91
O19 P6G C . 17.92 9.72 -4.73
CU CU D . 9.77 -11.07 -5.19
CU CU E . 14.18 -6.06 -16.96
S1 KN6 F . 12.72 -8.51 1.54
C1 KN6 F . 11.46 -9.59 0.93
C2 KN6 F . 11.54 -10.97 1.07
C3 KN6 F . 10.51 -11.72 0.52
N1 KN6 F . 9.47 -11.18 -0.12
C4 KN6 F . 9.41 -9.85 -0.21
C5 KN6 F . 10.39 -9.00 0.28
CU CU G . -14.06 3.08 -3.19
CU CU G . -13.64 3.46 -2.55
S1 KN6 H . -11.38 9.38 -1.14
C1 KN6 H . -12.04 7.82 -1.71
C2 KN6 H . -13.38 7.49 -1.83
C3 KN6 H . -13.74 6.22 -2.23
N1 KN6 H . -12.86 5.27 -2.54
C4 KN6 H . -11.58 5.63 -2.48
C5 KN6 H . -11.11 6.85 -2.07
#